data_3KVK
#
_entry.id   3KVK
#
_cell.length_a   90.908
_cell.length_b   90.908
_cell.length_c   123.077
_cell.angle_alpha   90.000
_cell.angle_beta   90.000
_cell.angle_gamma   120.000
#
_symmetry.space_group_name_H-M   'P 32 2 1'
#
loop_
_entity.id
_entity.type
_entity.pdbx_description
1 polymer 'Dihydroorotate dehydrogenase, mitochondrial'
2 non-polymer 'SULFATE ION'
3 non-polymer 'FLAVIN MONONUCLEOTIDE'
4 non-polymer '(4S)-2,6-DIOXOHEXAHYDROPYRIMIDINE-4-CARBOXYLIC ACID'
5 non-polymer UNDECYLAMINE-N,N-DIMETHYL-N-OXIDE
6 non-polymer '2-{[(3,5-dichlorophenyl)carbamoyl]amino}benzoic acid'
7 water water
#
_entity_poly.entity_id   1
_entity_poly.type   'polypeptide(L)'
_entity_poly.pdbx_seq_one_letter_code
;MGHHHHHHHHHHSSGHIDDDDKHMATGDERFYAEHLMPTLQGLLDPESAHRLAVRFTSLGLLPRARFQDSDMLEVRVLGH
KFRNPVGIAAGFDKHGEAVDGLYKMGFGFVEIGSVTPKPQEGNPRPRVFRLPEDQAVINRYGFNSHGLSVVEHRLRARQQ
KQAKLTEDGLPLGVNLGKNKTSVDAAEDYAEGVRVLGPLADYLVVNVSSPNTAGLRSLQGKAELRRLLTKVLQERDGLRR
VHRPAVLVKIAPDLTSQDKEDIASVVKELGIDGLIVTNTTVSRPAGLQGALRSETGGLSGKPLRDLSTQTIREMYALTQG
RVPIIGVGGVSSGQDALEKIRAGASLVQLYTALTFWGPPVVGKVKRELEALLKEQGFGGVTDAIGADHRR
;
_entity_poly.pdbx_strand_id   A
#
loop_
_chem_comp.id
_chem_comp.type
_chem_comp.name
_chem_comp.formula
6X1 non-polymer '2-{[(3,5-dichlorophenyl)carbamoyl]amino}benzoic acid' 'C14 H10 Cl2 N2 O3'
DET non-polymer UNDECYLAMINE-N,N-DIMETHYL-N-OXIDE 'C13 H29 N O'
DOR non-polymer '(4S)-2,6-DIOXOHEXAHYDROPYRIMIDINE-4-CARBOXYLIC ACID' 'C5 H6 N2 O4'
FMN non-polymer 'FLAVIN MONONUCLEOTIDE' 'C17 H21 N4 O9 P'
SO4 non-polymer 'SULFATE ION' 'O4 S -2'
#
# COMPACT_ATOMS: atom_id res chain seq x y z
N GLY A 27 5.17 22.71 -8.24
CA GLY A 27 4.34 21.74 -7.48
C GLY A 27 3.02 22.35 -7.05
N ASP A 28 2.44 23.18 -7.90
CA ASP A 28 1.18 23.85 -7.58
C ASP A 28 -0.01 22.90 -7.75
N GLU A 29 -0.76 22.72 -6.67
CA GLU A 29 -1.83 21.74 -6.63
C GLU A 29 -2.88 22.01 -7.70
N ARG A 30 -3.23 23.28 -7.87
CA ARG A 30 -4.29 23.65 -8.80
C ARG A 30 -3.87 23.49 -10.27
N PHE A 31 -2.60 23.74 -10.55
CA PHE A 31 -2.12 23.62 -11.93
C PHE A 31 -2.09 22.16 -12.39
N TYR A 32 -1.69 21.28 -11.48
CA TYR A 32 -1.72 19.85 -11.77
C TYR A 32 -3.16 19.36 -11.86
N ALA A 33 -3.99 19.80 -10.92
CA ALA A 33 -5.35 19.30 -10.78
C ALA A 33 -6.25 19.79 -11.91
N GLU A 34 -6.05 21.03 -12.35
CA GLU A 34 -6.94 21.64 -13.33
C GLU A 34 -6.41 21.56 -14.76
N HIS A 35 -5.11 21.41 -14.94
CA HIS A 35 -4.51 21.52 -16.26
C HIS A 35 -3.63 20.37 -16.69
N LEU A 36 -2.56 20.13 -15.94
CA LEU A 36 -1.55 19.17 -16.35
C LEU A 36 -2.14 17.76 -16.45
N MET A 37 -2.73 17.30 -15.34
CA MET A 37 -3.23 15.94 -15.26
C MET A 37 -4.33 15.65 -16.27
N PRO A 38 -5.34 16.53 -16.36
CA PRO A 38 -6.43 16.33 -17.33
C PRO A 38 -5.89 16.20 -18.75
N THR A 39 -4.84 16.96 -19.05
CA THR A 39 -4.24 16.93 -20.37
C THR A 39 -3.44 15.65 -20.59
N LEU A 40 -2.72 15.23 -19.56
CA LEU A 40 -1.96 13.99 -19.63
C LEU A 40 -2.88 12.80 -19.86
N GLN A 41 -4.01 12.78 -19.16
CA GLN A 41 -4.95 11.67 -19.27
C GLN A 41 -5.65 11.68 -20.62
N GLY A 42 -5.72 12.85 -21.24
CA GLY A 42 -6.28 12.94 -22.58
C GLY A 42 -5.33 12.40 -23.63
N LEU A 43 -4.03 12.42 -23.34
CA LEU A 43 -3.02 11.99 -24.30
C LEU A 43 -2.61 10.54 -24.14
N LEU A 44 -2.62 10.05 -22.91
CA LEU A 44 -2.11 8.71 -22.62
C LEU A 44 -3.17 7.83 -21.97
N ASP A 45 -3.24 6.58 -22.43
CA ASP A 45 -4.03 5.57 -21.75
C ASP A 45 -3.39 5.32 -20.39
N PRO A 46 -4.14 4.74 -19.44
CA PRO A 46 -3.62 4.65 -18.08
C PRO A 46 -2.32 3.85 -17.88
N GLU A 47 -2.16 2.73 -18.57
CA GLU A 47 -0.91 1.98 -18.40
C GLU A 47 0.31 2.75 -18.94
N SER A 48 0.13 3.46 -20.04
CA SER A 48 1.21 4.27 -20.59
C SER A 48 1.56 5.40 -19.64
N ALA A 49 0.55 6.04 -19.07
CA ALA A 49 0.77 7.11 -18.10
C ALA A 49 1.53 6.57 -16.90
N HIS A 50 1.16 5.37 -16.46
CA HIS A 50 1.78 4.74 -15.31
C HIS A 50 3.27 4.51 -15.57
N ARG A 51 3.58 3.91 -16.73
CA ARG A 51 4.96 3.61 -17.08
C ARG A 51 5.79 4.89 -17.21
N LEU A 52 5.20 5.91 -17.84
CA LEU A 52 5.89 7.19 -17.99
C LEU A 52 6.14 7.83 -16.62
N ALA A 53 5.15 7.73 -15.73
CA ALA A 53 5.28 8.33 -14.41
C ALA A 53 6.37 7.64 -13.60
N VAL A 54 6.46 6.33 -13.69
CA VAL A 54 7.52 5.61 -12.99
C VAL A 54 8.87 6.07 -13.54
N ARG A 55 8.96 6.20 -14.85
CA ARG A 55 10.22 6.56 -15.49
C ARG A 55 10.65 7.97 -15.06
N PHE A 56 9.73 8.92 -15.14
CA PHE A 56 10.03 10.29 -14.73
C PHE A 56 10.43 10.38 -13.26
N THR A 57 9.74 9.62 -12.43
CA THR A 57 9.97 9.68 -10.99
C THR A 57 11.36 9.13 -10.68
N SER A 58 11.71 8.01 -11.30
CA SER A 58 13.00 7.37 -11.03
C SER A 58 14.16 8.24 -11.49
N LEU A 59 13.87 9.22 -12.34
CA LEU A 59 14.90 10.16 -12.82
C LEU A 59 14.90 11.46 -12.02
N GLY A 60 14.04 11.55 -11.01
CA GLY A 60 14.01 12.75 -10.20
C GLY A 60 13.50 13.96 -10.96
N LEU A 61 12.91 13.71 -12.12
CA LEU A 61 12.41 14.78 -12.98
C LEU A 61 11.14 15.43 -12.45
N LEU A 62 10.62 14.93 -11.33
CA LEU A 62 9.39 15.43 -10.77
C LEU A 62 9.65 16.40 -9.61
N PRO A 63 8.60 17.11 -9.16
CA PRO A 63 8.75 18.06 -8.06
C PRO A 63 9.35 17.43 -6.81
N ARG A 64 10.20 18.18 -6.11
CA ARG A 64 10.64 17.80 -4.77
C ARG A 64 9.75 18.49 -3.75
N ALA A 65 9.29 17.71 -2.77
CA ALA A 65 8.40 18.24 -1.74
C ALA A 65 9.00 19.48 -1.08
N ARG A 66 8.24 20.57 -1.09
CA ARG A 66 8.61 21.76 -0.32
C ARG A 66 8.04 21.62 1.07
N PHE A 67 6.92 20.90 1.20
CA PHE A 67 6.34 20.69 2.51
C PHE A 67 7.36 19.97 3.38
N GLN A 68 7.76 20.63 4.45
CA GLN A 68 8.69 20.07 5.42
C GLN A 68 7.90 19.56 6.61
N ASP A 69 8.09 18.29 6.95
CA ASP A 69 7.19 17.60 7.88
C ASP A 69 7.37 18.07 9.31
N SER A 70 6.27 18.36 9.99
CA SER A 70 6.30 18.78 11.38
C SER A 70 6.33 17.56 12.29
N ASP A 71 6.80 17.76 13.53
CA ASP A 71 6.89 16.67 14.50
C ASP A 71 5.55 16.02 14.77
N MET A 72 4.47 16.76 14.54
CA MET A 72 3.12 16.25 14.74
C MET A 72 2.84 15.01 13.90
N LEU A 73 3.53 14.90 12.77
CA LEU A 73 3.22 13.89 11.78
C LEU A 73 4.04 12.62 11.98
N GLU A 74 4.95 12.66 12.93
CA GLU A 74 5.84 11.52 13.15
C GLU A 74 5.14 10.39 13.90
N VAL A 75 5.39 9.17 13.45
CA VAL A 75 4.81 7.99 14.07
C VAL A 75 5.91 6.96 14.31
N ARG A 76 5.82 6.27 15.44
CA ARG A 76 6.70 5.15 15.69
C ARG A 76 5.89 3.86 15.80
N VAL A 77 6.08 2.97 14.81
CA VAL A 77 5.42 1.67 14.79
C VAL A 77 6.25 0.67 14.01
N LEU A 78 5.94 -0.61 14.15
CA LEU A 78 6.58 -1.65 13.36
C LEU A 78 8.09 -1.70 13.60
N GLY A 79 8.52 -1.08 14.69
CA GLY A 79 9.94 -1.09 15.03
C GLY A 79 10.71 0.02 14.34
N HIS A 80 9.99 1.01 13.84
CA HIS A 80 10.61 2.09 13.08
C HIS A 80 9.99 3.46 13.33
N LYS A 81 10.74 4.50 13.01
CA LYS A 81 10.22 5.86 12.97
C LYS A 81 9.75 6.18 11.55
N PHE A 82 8.57 6.79 11.43
CA PHE A 82 8.08 7.27 10.16
C PHE A 82 7.90 8.78 10.30
N ARG A 83 8.61 9.56 9.49
CA ARG A 83 8.60 11.00 9.69
C ARG A 83 7.26 11.62 9.31
N ASN A 84 6.50 10.95 8.46
CA ASN A 84 5.09 11.26 8.29
C ASN A 84 4.32 10.00 7.90
N PRO A 85 3.00 9.98 8.13
CA PRO A 85 2.20 8.76 8.08
C PRO A 85 1.67 8.41 6.69
N VAL A 86 2.15 9.12 5.67
CA VAL A 86 1.56 8.99 4.33
C VAL A 86 2.52 8.28 3.37
N GLY A 87 2.16 7.05 2.99
CA GLY A 87 3.02 6.26 2.14
C GLY A 87 2.45 6.09 0.75
N ILE A 88 3.26 5.62 -0.18
CA ILE A 88 2.78 5.23 -1.49
C ILE A 88 2.46 3.73 -1.46
N ALA A 89 1.26 3.37 -1.85
CA ALA A 89 0.80 1.99 -1.76
C ALA A 89 1.51 1.12 -2.81
N ALA A 90 1.52 -0.18 -2.56
CA ALA A 90 2.06 -1.16 -3.51
C ALA A 90 1.35 -1.04 -4.86
N GLY A 91 2.08 -1.35 -5.93
CA GLY A 91 1.46 -1.40 -7.24
C GLY A 91 1.84 -0.25 -8.15
N PHE A 92 2.39 0.81 -7.58
CA PHE A 92 2.88 1.91 -8.41
C PHE A 92 4.31 1.64 -8.86
N ASP A 93 5.19 1.41 -7.88
CA ASP A 93 6.56 0.98 -8.16
C ASP A 93 6.63 -0.53 -7.92
N LYS A 94 6.17 -1.30 -8.90
CA LYS A 94 6.08 -2.74 -8.76
C LYS A 94 7.46 -3.41 -8.69
N HIS A 95 8.45 -2.81 -9.35
CA HIS A 95 9.74 -3.48 -9.54
C HIS A 95 10.91 -2.82 -8.81
N GLY A 96 10.61 -1.83 -7.98
CA GLY A 96 11.63 -1.19 -7.16
C GLY A 96 12.51 -0.18 -7.89
N GLU A 97 11.92 0.53 -8.86
CA GLU A 97 12.70 1.39 -9.76
C GLU A 97 12.72 2.87 -9.39
N ALA A 98 11.82 3.28 -8.51
CA ALA A 98 11.58 4.71 -8.32
C ALA A 98 11.57 5.10 -6.86
N VAL A 99 12.15 4.25 -6.02
CA VAL A 99 12.04 4.42 -4.57
C VAL A 99 12.52 5.81 -4.11
N ASP A 100 13.68 6.25 -4.60
CA ASP A 100 14.23 7.51 -4.16
C ASP A 100 13.42 8.70 -4.66
N GLY A 101 12.93 8.62 -5.89
CA GLY A 101 12.08 9.68 -6.40
C GLY A 101 10.79 9.79 -5.61
N LEU A 102 10.33 8.66 -5.07
CA LEU A 102 9.11 8.67 -4.28
C LEU A 102 9.30 9.32 -2.91
N TYR A 103 10.44 9.07 -2.26
CA TYR A 103 10.75 9.80 -1.04
C TYR A 103 10.86 11.31 -1.31
N LYS A 104 11.48 11.64 -2.45
CA LYS A 104 11.66 13.03 -2.84
C LYS A 104 10.29 13.71 -3.00
N MET A 105 9.30 12.91 -3.38
CA MET A 105 7.95 13.39 -3.61
C MET A 105 7.24 13.73 -2.30
N GLY A 106 7.78 13.23 -1.18
CA GLY A 106 7.24 13.58 0.13
C GLY A 106 6.61 12.45 0.93
N PHE A 107 6.56 11.25 0.35
CA PHE A 107 6.01 10.10 1.07
C PHE A 107 6.88 9.76 2.27
N GLY A 108 6.24 9.43 3.38
CA GLY A 108 6.97 9.08 4.59
C GLY A 108 7.46 7.64 4.60
N PHE A 109 6.91 6.82 3.70
CA PHE A 109 7.45 5.49 3.47
C PHE A 109 7.01 4.98 2.12
N VAL A 110 7.74 4.00 1.59
CA VAL A 110 7.50 3.50 0.26
C VAL A 110 7.32 2.01 0.30
N GLU A 111 6.30 1.51 -0.38
CA GLU A 111 6.13 0.07 -0.53
C GLU A 111 6.22 -0.32 -2.00
N ILE A 112 7.13 -1.22 -2.32
CA ILE A 112 7.27 -1.70 -3.70
C ILE A 112 6.63 -3.07 -3.83
N GLY A 113 6.38 -3.49 -5.07
CA GLY A 113 5.75 -4.77 -5.30
C GLY A 113 4.36 -4.57 -5.88
N SER A 114 3.59 -5.65 -6.03
CA SER A 114 4.00 -6.98 -5.60
C SER A 114 5.07 -7.58 -6.49
N VAL A 115 6.01 -8.29 -5.87
CA VAL A 115 7.06 -9.00 -6.59
C VAL A 115 6.79 -10.50 -6.51
N THR A 116 6.87 -11.19 -7.64
CA THR A 116 6.70 -12.64 -7.69
C THR A 116 8.07 -13.31 -7.77
N PRO A 117 8.15 -14.61 -7.40
CA PRO A 117 9.45 -15.28 -7.41
C PRO A 117 10.14 -15.26 -8.78
N LYS A 118 9.47 -15.76 -9.80
CA LYS A 118 9.97 -15.69 -11.16
C LYS A 118 9.36 -14.51 -11.90
N PRO A 119 10.05 -14.00 -12.93
CA PRO A 119 9.47 -12.99 -13.84
C PRO A 119 8.18 -13.49 -14.46
N GLN A 120 7.19 -12.62 -14.60
CA GLN A 120 6.01 -12.96 -15.39
C GLN A 120 5.38 -11.69 -15.96
N GLU A 121 4.62 -11.86 -17.04
CA GLU A 121 4.16 -10.72 -17.82
C GLU A 121 2.86 -10.10 -17.31
N GLY A 122 2.09 -10.87 -16.57
CA GLY A 122 0.76 -10.42 -16.17
C GLY A 122 -0.28 -10.64 -17.24
N ASN A 123 -1.47 -10.05 -17.07
CA ASN A 123 -2.57 -10.24 -18.02
C ASN A 123 -2.35 -9.47 -19.32
N PRO A 124 -3.03 -9.91 -20.38
CA PRO A 124 -2.99 -9.17 -21.65
C PRO A 124 -3.58 -7.78 -21.53
N ARG A 125 -3.13 -6.86 -22.38
CA ARG A 125 -3.64 -5.49 -22.42
C ARG A 125 -4.87 -5.41 -23.31
N PRO A 126 -5.75 -4.43 -23.07
CA PRO A 126 -5.64 -3.44 -21.99
C PRO A 126 -6.01 -4.03 -20.63
N ARG A 127 -5.38 -3.55 -19.57
CA ARG A 127 -5.59 -4.13 -18.26
C ARG A 127 -5.66 -3.07 -17.15
N VAL A 128 -5.71 -1.80 -17.55
CA VAL A 128 -5.92 -0.72 -16.60
C VAL A 128 -6.93 0.25 -17.21
N PHE A 129 -7.88 0.70 -16.39
CA PHE A 129 -8.99 1.49 -16.89
C PHE A 129 -9.31 2.65 -15.95
N ARG A 130 -9.58 3.81 -16.54
CA ARG A 130 -9.90 5.03 -15.82
C ARG A 130 -11.41 5.21 -15.69
N LEU A 131 -11.87 5.58 -14.50
CA LEU A 131 -13.27 6.01 -14.31
C LEU A 131 -13.29 7.43 -13.76
N PRO A 132 -13.14 8.42 -14.64
CA PRO A 132 -12.98 9.83 -14.24
C PRO A 132 -14.16 10.36 -13.42
N GLU A 133 -15.37 9.97 -13.82
CA GLU A 133 -16.58 10.46 -13.18
C GLU A 133 -16.67 9.98 -11.74
N ASP A 134 -15.93 8.92 -11.42
CA ASP A 134 -15.99 8.29 -10.11
C ASP A 134 -14.72 8.52 -9.31
N GLN A 135 -13.75 9.20 -9.92
CA GLN A 135 -12.40 9.32 -9.36
C GLN A 135 -11.90 7.93 -8.93
N ALA A 136 -12.00 6.98 -9.85
CA ALA A 136 -11.68 5.59 -9.56
C ALA A 136 -10.85 4.99 -10.69
N VAL A 137 -10.16 3.90 -10.38
CA VAL A 137 -9.47 3.12 -11.39
C VAL A 137 -9.87 1.66 -11.25
N ILE A 138 -9.91 0.94 -12.37
CA ILE A 138 -10.01 -0.52 -12.33
C ILE A 138 -8.78 -1.11 -13.01
N ASN A 139 -8.13 -2.06 -12.35
CA ASN A 139 -6.97 -2.69 -12.93
C ASN A 139 -7.05 -4.20 -12.79
N ARG A 140 -6.55 -4.90 -13.81
CA ARG A 140 -6.31 -6.33 -13.72
C ARG A 140 -4.92 -6.65 -14.26
N TYR A 141 -3.91 -5.99 -13.71
CA TYR A 141 -2.54 -6.21 -14.13
C TYR A 141 -2.14 -7.67 -14.08
N GLY A 142 -2.48 -8.35 -12.98
CA GLY A 142 -2.15 -9.75 -12.85
C GLY A 142 -0.73 -10.03 -12.39
N PHE A 143 -0.18 -9.18 -11.52
CA PHE A 143 1.15 -9.43 -10.97
C PHE A 143 2.22 -9.47 -12.05
N ASN A 144 2.20 -8.50 -12.96
CA ASN A 144 3.34 -8.34 -13.86
C ASN A 144 4.55 -8.01 -13.00
N SER A 145 5.64 -8.77 -13.16
CA SER A 145 6.77 -8.63 -12.25
C SER A 145 8.11 -9.00 -12.90
N HIS A 146 9.13 -8.19 -12.61
CA HIS A 146 10.50 -8.51 -13.02
C HIS A 146 11.05 -9.71 -12.27
N GLY A 147 10.38 -10.09 -11.18
CA GLY A 147 10.80 -11.24 -10.40
C GLY A 147 11.78 -10.90 -9.29
N LEU A 148 11.94 -11.82 -8.35
CA LEU A 148 12.75 -11.58 -7.15
C LEU A 148 14.20 -11.21 -7.45
N SER A 149 14.84 -11.96 -8.35
CA SER A 149 16.27 -11.77 -8.59
CA SER A 149 16.27 -11.77 -8.59
C SER A 149 16.58 -10.36 -9.08
N VAL A 150 15.82 -9.88 -10.06
CA VAL A 150 16.04 -8.54 -10.57
C VAL A 150 15.80 -7.49 -9.48
N VAL A 151 14.72 -7.61 -8.74
CA VAL A 151 14.42 -6.65 -7.70
C VAL A 151 15.47 -6.69 -6.59
N GLU A 152 15.92 -7.90 -6.25
CA GLU A 152 16.97 -8.07 -5.24
C GLU A 152 18.22 -7.25 -5.59
N HIS A 153 18.69 -7.37 -6.83
CA HIS A 153 19.90 -6.66 -7.23
C HIS A 153 19.67 -5.15 -7.30
N ARG A 154 18.48 -4.76 -7.71
CA ARG A 154 18.11 -3.35 -7.74
C ARG A 154 18.17 -2.74 -6.34
N LEU A 155 17.64 -3.44 -5.35
CA LEU A 155 17.65 -2.91 -3.98
C LEU A 155 19.05 -2.98 -3.36
N ARG A 156 19.79 -4.03 -3.68
CA ARG A 156 21.16 -4.15 -3.16
C ARG A 156 22.02 -2.97 -3.63
N ALA A 157 21.74 -2.46 -4.83
CA ALA A 157 22.56 -1.38 -5.39
C ALA A 157 22.42 -0.10 -4.59
N ARG A 158 21.35 0.00 -3.80
CA ARG A 158 21.11 1.21 -3.01
C ARG A 158 20.85 0.88 -1.54
N GLN A 159 21.32 -0.30 -1.12
CA GLN A 159 20.99 -0.82 0.20
C GLN A 159 21.45 0.10 1.33
N GLN A 160 22.63 0.66 1.19
CA GLN A 160 23.19 1.50 2.25
C GLN A 160 22.51 2.86 2.27
N LYS A 161 22.15 3.36 1.09
CA LYS A 161 21.39 4.60 1.04
C LYS A 161 20.06 4.41 1.76
N GLN A 162 19.43 3.26 1.55
CA GLN A 162 18.16 2.97 2.19
C GLN A 162 18.32 2.87 3.70
N ALA A 163 19.43 2.28 4.15
CA ALA A 163 19.67 2.15 5.58
C ALA A 163 19.69 3.52 6.24
N LYS A 164 20.27 4.50 5.56
CA LYS A 164 20.31 5.85 6.10
C LYS A 164 18.92 6.49 6.09
N LEU A 165 18.19 6.29 4.99
CA LEU A 165 16.83 6.82 4.88
C LEU A 165 15.95 6.27 6.01
N THR A 166 15.99 4.95 6.20
CA THR A 166 15.23 4.32 7.27
C THR A 166 15.59 4.91 8.64
N GLU A 167 16.89 5.00 8.91
CA GLU A 167 17.35 5.60 10.17
C GLU A 167 16.81 7.03 10.29
N ASP A 168 16.63 7.67 9.14
CA ASP A 168 16.12 9.04 9.07
C ASP A 168 14.60 9.11 9.16
N GLY A 169 13.94 7.96 9.27
CA GLY A 169 12.49 7.97 9.40
C GLY A 169 11.75 7.78 8.08
N LEU A 170 12.41 7.17 7.10
CA LEU A 170 11.79 6.90 5.80
C LEU A 170 11.92 5.43 5.41
N PRO A 171 11.11 4.55 6.03
CA PRO A 171 11.21 3.10 5.88
C PRO A 171 10.78 2.57 4.51
N LEU A 172 11.19 1.34 4.21
CA LEU A 172 10.89 0.71 2.93
C LEU A 172 10.12 -0.59 3.15
N GLY A 173 8.99 -0.74 2.47
CA GLY A 173 8.26 -1.99 2.54
C GLY A 173 8.36 -2.75 1.22
N VAL A 174 8.27 -4.07 1.31
CA VAL A 174 8.25 -4.90 0.12
C VAL A 174 7.05 -5.84 0.16
N ASN A 175 6.24 -5.78 -0.90
CA ASN A 175 5.02 -6.55 -1.00
C ASN A 175 5.29 -7.78 -1.88
N LEU A 176 5.02 -8.97 -1.34
CA LEU A 176 5.36 -10.22 -2.00
C LEU A 176 4.14 -10.88 -2.63
N GLY A 177 4.26 -11.27 -3.89
CA GLY A 177 3.20 -12.00 -4.54
C GLY A 177 3.62 -13.42 -4.89
N LYS A 178 2.82 -14.08 -5.72
CA LYS A 178 3.17 -15.42 -6.15
C LYS A 178 2.87 -15.61 -7.62
N ASN A 179 3.62 -16.48 -8.26
CA ASN A 179 3.49 -16.69 -9.69
C ASN A 179 2.16 -17.33 -10.04
N LYS A 180 1.66 -17.02 -11.23
CA LYS A 180 0.37 -17.53 -11.69
C LYS A 180 0.31 -19.06 -11.68
N THR A 181 1.38 -19.70 -12.13
CA THR A 181 1.39 -21.15 -12.30
C THR A 181 1.92 -21.87 -11.06
N SER A 182 2.23 -21.11 -10.02
CA SER A 182 2.82 -21.68 -8.82
C SER A 182 1.98 -22.82 -8.27
N VAL A 183 2.64 -23.92 -7.91
CA VAL A 183 1.98 -25.11 -7.40
C VAL A 183 1.92 -25.13 -5.87
N ASP A 184 2.65 -24.22 -5.24
CA ASP A 184 2.72 -24.15 -3.79
C ASP A 184 2.84 -22.69 -3.34
N ALA A 185 1.71 -22.09 -2.98
CA ALA A 185 1.66 -20.67 -2.67
C ALA A 185 2.58 -20.31 -1.51
N ALA A 186 2.58 -21.15 -0.48
CA ALA A 186 3.40 -20.90 0.71
C ALA A 186 4.89 -20.84 0.35
N GLU A 187 5.33 -21.71 -0.56
CA GLU A 187 6.73 -21.71 -0.97
C GLU A 187 7.11 -20.45 -1.77
N ASP A 188 6.21 -19.97 -2.63
CA ASP A 188 6.44 -18.69 -3.30
C ASP A 188 6.71 -17.58 -2.29
N TYR A 189 5.83 -17.44 -1.30
CA TYR A 189 5.99 -16.39 -0.30
C TYR A 189 7.27 -16.61 0.51
N ALA A 190 7.56 -17.86 0.82
CA ALA A 190 8.76 -18.19 1.58
C ALA A 190 10.02 -17.76 0.84
N GLU A 191 10.03 -17.94 -0.48
CA GLU A 191 11.17 -17.50 -1.28
C GLU A 191 11.30 -15.98 -1.23
N GLY A 192 10.16 -15.29 -1.30
CA GLY A 192 10.18 -13.85 -1.18
C GLY A 192 10.75 -13.37 0.13
N VAL A 193 10.43 -14.06 1.22
CA VAL A 193 10.96 -13.68 2.52
C VAL A 193 12.47 -13.84 2.55
N ARG A 194 12.96 -14.95 2.02
CA ARG A 194 14.40 -15.24 2.06
C ARG A 194 15.21 -14.29 1.19
N VAL A 195 14.66 -13.91 0.05
CA VAL A 195 15.39 -13.09 -0.90
C VAL A 195 15.28 -11.59 -0.64
N LEU A 196 14.07 -11.09 -0.39
CA LEU A 196 13.89 -9.66 -0.21
C LEU A 196 13.71 -9.22 1.24
N GLY A 197 13.43 -10.18 2.12
CA GLY A 197 13.30 -9.87 3.54
C GLY A 197 14.52 -9.16 4.12
N PRO A 198 15.74 -9.60 3.76
CA PRO A 198 16.95 -8.94 4.28
C PRO A 198 17.07 -7.48 3.83
N LEU A 199 16.30 -7.10 2.83
CA LEU A 199 16.42 -5.77 2.23
C LEU A 199 15.27 -4.83 2.61
N ALA A 200 14.29 -5.34 3.36
CA ALA A 200 13.09 -4.57 3.65
C ALA A 200 12.93 -4.29 5.13
N ASP A 201 12.31 -3.15 5.44
CA ASP A 201 11.95 -2.84 6.83
C ASP A 201 10.68 -3.58 7.21
N TYR A 202 9.75 -3.72 6.26
CA TYR A 202 8.63 -4.63 6.46
C TYR A 202 8.29 -5.36 5.18
N LEU A 203 7.73 -6.55 5.36
CA LEU A 203 7.26 -7.38 4.26
C LEU A 203 5.74 -7.45 4.31
N VAL A 204 5.13 -7.55 3.13
CA VAL A 204 3.68 -7.69 3.07
C VAL A 204 3.35 -8.99 2.35
N VAL A 205 2.61 -9.85 3.00
CA VAL A 205 2.08 -11.04 2.35
C VAL A 205 0.76 -10.66 1.73
N ASN A 206 0.78 -10.53 0.40
CA ASN A 206 -0.37 -10.05 -0.32
C ASN A 206 -1.25 -11.23 -0.66
N VAL A 207 -2.35 -11.33 0.06
CA VAL A 207 -3.18 -12.49 0.01
C VAL A 207 -4.58 -12.05 -0.48
N SER A 208 -4.61 -10.88 -1.11
CA SER A 208 -5.87 -10.17 -1.39
C SER A 208 -5.98 -9.58 -2.81
N SER A 209 -5.05 -9.91 -3.69
CA SER A 209 -5.17 -9.46 -5.08
C SER A 209 -6.36 -10.13 -5.76
N PRO A 210 -7.22 -9.32 -6.40
CA PRO A 210 -8.41 -9.77 -7.13
C PRO A 210 -8.08 -10.45 -8.47
N ASN A 211 -6.81 -10.43 -8.85
CA ASN A 211 -6.43 -10.69 -10.24
C ASN A 211 -5.55 -11.94 -10.43
N THR A 212 -5.43 -12.74 -9.38
CA THR A 212 -4.79 -14.05 -9.51
C THR A 212 -5.71 -15.14 -8.99
N ALA A 213 -5.94 -16.16 -9.81
CA ALA A 213 -6.92 -17.20 -9.51
C ALA A 213 -6.57 -17.92 -8.21
N GLY A 214 -7.53 -17.92 -7.28
CA GLY A 214 -7.37 -18.66 -6.05
C GLY A 214 -6.64 -17.94 -4.92
N LEU A 215 -6.01 -16.82 -5.23
CA LEU A 215 -5.15 -16.15 -4.25
C LEU A 215 -5.91 -15.75 -2.99
N ARG A 216 -7.10 -15.18 -3.17
CA ARG A 216 -7.84 -14.60 -2.06
C ARG A 216 -8.35 -15.64 -1.06
N SER A 217 -8.47 -16.88 -1.50
CA SER A 217 -8.93 -17.95 -0.61
C SER A 217 -7.80 -18.40 0.32
N LEU A 218 -6.60 -17.89 0.10
CA LEU A 218 -5.51 -18.04 1.07
C LEU A 218 -5.87 -17.26 2.33
N GLN A 219 -7.01 -16.58 2.30
CA GLN A 219 -7.47 -15.77 3.42
C GLN A 219 -8.34 -16.57 4.42
N GLY A 220 -8.74 -17.78 4.04
CA GLY A 220 -9.46 -18.64 4.97
C GLY A 220 -8.56 -19.16 6.08
N LYS A 221 -9.15 -19.68 7.15
CA LYS A 221 -8.44 -19.85 8.42
C LYS A 221 -7.30 -20.87 8.42
N ALA A 222 -7.64 -22.15 8.23
CA ALA A 222 -6.68 -23.22 8.46
C ALA A 222 -5.43 -23.11 7.58
N GLU A 223 -5.62 -22.68 6.34
CA GLU A 223 -4.50 -22.58 5.40
C GLU A 223 -3.87 -21.20 5.43
N LEU A 224 -4.55 -20.23 6.03
CA LEU A 224 -3.92 -18.96 6.32
C LEU A 224 -2.95 -19.15 7.47
N ARG A 225 -3.34 -19.98 8.44
CA ARG A 225 -2.49 -20.27 9.58
C ARG A 225 -1.25 -21.04 9.12
N ARG A 226 -1.46 -22.00 8.23
CA ARG A 226 -0.35 -22.77 7.68
C ARG A 226 0.57 -21.86 6.87
N LEU A 227 -0.03 -21.04 6.01
CA LEU A 227 0.73 -20.12 5.18
C LEU A 227 1.56 -19.17 6.04
N LEU A 228 0.94 -18.52 7.02
CA LEU A 228 1.61 -17.48 7.78
C LEU A 228 2.62 -18.06 8.79
N THR A 229 2.34 -19.27 9.27
CA THR A 229 3.30 -19.97 10.11
C THR A 229 4.62 -20.16 9.37
N LYS A 230 4.53 -20.59 8.12
CA LYS A 230 5.72 -20.82 7.31
C LYS A 230 6.43 -19.51 6.99
N VAL A 231 5.67 -18.47 6.65
CA VAL A 231 6.24 -17.15 6.41
C VAL A 231 7.01 -16.65 7.63
N LEU A 232 6.37 -16.69 8.79
CA LEU A 232 6.99 -16.17 10.02
C LEU A 232 8.25 -16.96 10.41
N GLN A 233 8.23 -18.26 10.11
CA GLN A 233 9.38 -19.09 10.43
C GLN A 233 10.57 -18.73 9.54
N GLU A 234 10.31 -18.49 8.27
CA GLU A 234 11.36 -18.05 7.36
C GLU A 234 11.91 -16.70 7.79
N ARG A 235 11.02 -15.82 8.23
CA ARG A 235 11.42 -14.48 8.67
C ARG A 235 12.32 -14.59 9.90
N ASP A 236 11.92 -15.44 10.85
CA ASP A 236 12.65 -15.59 12.09
C ASP A 236 14.03 -16.21 11.87
N GLY A 237 14.19 -16.90 10.75
CA GLY A 237 15.48 -17.48 10.42
C GLY A 237 16.47 -16.49 9.82
N LEU A 238 16.03 -15.25 9.60
CA LEU A 238 16.93 -14.22 9.10
C LEU A 238 17.72 -13.59 10.25
N ARG A 239 18.94 -13.15 9.95
CA ARG A 239 19.77 -12.51 10.97
C ARG A 239 19.13 -11.24 11.49
N ARG A 240 19.36 -10.99 12.78
CA ARG A 240 18.64 -9.99 13.55
C ARG A 240 18.53 -8.63 12.88
N VAL A 241 19.65 -8.11 12.36
CA VAL A 241 19.62 -6.78 11.76
C VAL A 241 18.95 -6.78 10.39
N HIS A 242 18.68 -7.96 9.85
CA HIS A 242 18.01 -8.07 8.55
C HIS A 242 16.62 -8.70 8.67
N ARG A 243 16.01 -8.56 9.83
CA ARG A 243 14.75 -9.23 10.12
C ARG A 243 13.57 -8.26 10.06
N PRO A 244 12.79 -8.32 8.97
CA PRO A 244 11.66 -7.40 8.73
C PRO A 244 10.43 -7.73 9.59
N ALA A 245 9.60 -6.71 9.82
CA ALA A 245 8.23 -6.95 10.28
C ALA A 245 7.46 -7.63 9.15
N VAL A 246 6.47 -8.44 9.50
CA VAL A 246 5.60 -9.06 8.51
C VAL A 246 4.14 -8.64 8.67
N LEU A 247 3.57 -8.10 7.60
CA LEU A 247 2.18 -7.66 7.60
C LEU A 247 1.36 -8.47 6.60
N VAL A 248 0.06 -8.54 6.84
CA VAL A 248 -0.87 -9.18 5.91
C VAL A 248 -1.79 -8.12 5.30
N LYS A 249 -1.94 -8.17 3.99
CA LYS A 249 -2.78 -7.22 3.29
C LYS A 249 -4.06 -7.92 2.86
N ILE A 250 -5.20 -7.35 3.23
CA ILE A 250 -6.45 -8.06 3.02
C ILE A 250 -7.39 -7.30 2.09
N ALA A 251 -8.34 -8.02 1.54
CA ALA A 251 -9.37 -7.44 0.68
C ALA A 251 -10.41 -6.67 1.49
N PRO A 252 -11.12 -5.75 0.83
CA PRO A 252 -12.30 -5.08 1.39
C PRO A 252 -13.53 -5.98 1.29
N ASP A 253 -13.37 -7.15 0.69
CA ASP A 253 -14.51 -7.96 0.25
C ASP A 253 -14.76 -9.19 1.13
N LEU A 254 -14.24 -9.17 2.36
CA LEU A 254 -14.29 -10.34 3.23
C LEU A 254 -15.62 -10.45 3.97
N THR A 255 -16.08 -11.68 4.22
CA THR A 255 -17.25 -11.87 5.09
C THR A 255 -16.86 -11.54 6.54
N SER A 256 -17.86 -11.39 7.39
CA SER A 256 -17.64 -11.22 8.82
C SER A 256 -16.82 -12.39 9.36
N GLN A 257 -17.13 -13.59 8.88
CA GLN A 257 -16.43 -14.80 9.31
C GLN A 257 -14.96 -14.76 8.92
N ASP A 258 -14.67 -14.32 7.71
CA ASP A 258 -13.28 -14.19 7.25
C ASP A 258 -12.48 -13.25 8.16
N LYS A 259 -13.04 -12.07 8.40
CA LYS A 259 -12.36 -11.05 9.20
C LYS A 259 -12.11 -11.56 10.61
N GLU A 260 -13.12 -12.17 11.19
CA GLU A 260 -13.05 -12.76 12.51
C GLU A 260 -11.92 -13.79 12.55
N ASP A 261 -11.84 -14.60 11.51
CA ASP A 261 -10.81 -15.65 11.43
C ASP A 261 -9.42 -15.07 11.24
N ILE A 262 -9.30 -14.05 10.40
CA ILE A 262 -8.01 -13.40 10.18
C ILE A 262 -7.49 -12.74 11.45
N ALA A 263 -8.38 -12.06 12.17
CA ALA A 263 -8.00 -11.42 13.43
C ALA A 263 -7.46 -12.44 14.40
N SER A 264 -8.12 -13.61 14.45
CA SER A 264 -7.72 -14.68 15.35
C SER A 264 -6.32 -15.23 15.02
N VAL A 265 -6.10 -15.56 13.77
CA VAL A 265 -4.81 -16.09 13.33
C VAL A 265 -3.70 -15.08 13.51
N VAL A 266 -3.98 -13.82 13.19
CA VAL A 266 -3.00 -12.76 13.35
C VAL A 266 -2.53 -12.62 14.79
N LYS A 267 -3.48 -12.70 15.74
CA LYS A 267 -3.13 -12.60 17.15
C LYS A 267 -2.44 -13.87 17.65
N GLU A 268 -2.86 -15.01 17.14
CA GLU A 268 -2.30 -16.29 17.54
C GLU A 268 -0.83 -16.42 17.13
N LEU A 269 -0.51 -15.99 15.91
CA LEU A 269 0.82 -16.21 15.36
C LEU A 269 1.76 -15.03 15.63
N GLY A 270 1.21 -13.91 16.06
CA GLY A 270 2.05 -12.76 16.34
C GLY A 270 2.44 -11.98 15.08
N ILE A 271 1.55 -11.97 14.08
CA ILE A 271 1.75 -11.13 12.90
C ILE A 271 1.91 -9.68 13.33
N ASP A 272 2.81 -8.95 12.68
CA ASP A 272 3.20 -7.61 13.13
C ASP A 272 2.21 -6.52 12.76
N GLY A 273 1.42 -6.73 11.72
CA GLY A 273 0.46 -5.71 11.32
C GLY A 273 -0.43 -6.11 10.17
N LEU A 274 -1.39 -5.25 9.85
CA LEU A 274 -2.32 -5.49 8.74
C LEU A 274 -2.29 -4.31 7.79
N ILE A 275 -2.46 -4.59 6.50
CA ILE A 275 -2.73 -3.52 5.55
C ILE A 275 -4.15 -3.68 5.03
N VAL A 276 -4.91 -2.59 5.10
CA VAL A 276 -6.36 -2.62 4.97
C VAL A 276 -6.77 -1.38 4.21
N THR A 277 -7.09 -1.48 2.91
CA THR A 277 -7.32 -2.74 2.18
C THR A 277 -6.72 -2.70 0.77
N ASN A 278 -6.75 -3.84 0.10
CA ASN A 278 -6.51 -3.93 -1.34
C ASN A 278 -7.72 -3.36 -2.11
N THR A 279 -7.72 -3.54 -3.43
CA THR A 279 -8.84 -3.09 -4.26
C THR A 279 -10.06 -4.00 -4.09
N THR A 280 -11.22 -3.52 -4.51
CA THR A 280 -12.45 -4.30 -4.37
C THR A 280 -12.93 -4.90 -5.69
N VAL A 281 -13.45 -6.12 -5.63
CA VAL A 281 -14.07 -6.73 -6.80
C VAL A 281 -15.56 -6.42 -6.82
N SER A 282 -16.01 -5.68 -5.80
CA SER A 282 -17.38 -5.19 -5.81
C SER A 282 -17.49 -4.01 -6.75
N ARG A 283 -18.70 -3.72 -7.20
CA ARG A 283 -18.99 -2.50 -7.93
C ARG A 283 -20.11 -1.77 -7.21
N PRO A 284 -19.77 -0.80 -6.36
CA PRO A 284 -20.78 -0.09 -5.57
C PRO A 284 -21.82 0.55 -6.47
N ALA A 285 -23.06 0.58 -5.99
CA ALA A 285 -24.12 1.27 -6.72
C ALA A 285 -23.72 2.73 -6.93
N GLY A 286 -24.01 3.27 -8.10
CA GLY A 286 -23.75 4.68 -8.35
C GLY A 286 -22.54 5.00 -9.19
N LEU A 287 -21.71 4.00 -9.53
CA LEU A 287 -20.59 4.23 -10.43
C LEU A 287 -21.11 4.75 -11.77
N GLN A 288 -20.44 5.78 -12.31
CA GLN A 288 -20.88 6.41 -13.54
C GLN A 288 -19.97 6.11 -14.73
N GLY A 289 -18.73 5.71 -14.44
CA GLY A 289 -17.78 5.51 -15.52
C GLY A 289 -18.27 4.52 -16.54
N ALA A 290 -17.98 4.78 -17.81
CA ALA A 290 -18.40 3.88 -18.88
C ALA A 290 -17.76 2.50 -18.69
N LEU A 291 -16.60 2.47 -18.04
CA LEU A 291 -15.81 1.24 -17.95
C LEU A 291 -16.03 0.47 -16.64
N ARG A 292 -17.12 0.78 -15.96
CA ARG A 292 -17.38 0.24 -14.63
C ARG A 292 -17.52 -1.28 -14.61
N SER A 293 -17.86 -1.87 -15.75
CA SER A 293 -18.08 -3.31 -15.81
C SER A 293 -16.87 -4.11 -16.31
N GLU A 294 -15.73 -3.44 -16.49
CA GLU A 294 -14.47 -4.15 -16.72
C GLU A 294 -14.09 -5.00 -15.51
N THR A 295 -13.60 -6.20 -15.77
CA THR A 295 -13.11 -7.09 -14.73
C THR A 295 -11.89 -6.51 -14.05
N GLY A 296 -11.80 -6.69 -12.73
CA GLY A 296 -10.61 -6.27 -12.00
C GLY A 296 -10.91 -5.66 -10.64
N GLY A 297 -9.88 -5.09 -10.02
CA GLY A 297 -10.04 -4.46 -8.73
C GLY A 297 -10.29 -2.98 -8.85
N LEU A 298 -11.30 -2.49 -8.15
CA LEU A 298 -11.64 -1.07 -8.16
C LEU A 298 -10.96 -0.34 -7.00
N SER A 299 -10.36 0.81 -7.31
CA SER A 299 -9.68 1.62 -6.33
C SER A 299 -10.17 3.07 -6.39
N GLY A 300 -9.75 3.88 -5.43
CA GLY A 300 -10.13 5.29 -5.44
C GLY A 300 -11.37 5.58 -4.60
N LYS A 301 -12.05 6.67 -4.94
CA LYS A 301 -13.08 7.20 -4.07
C LYS A 301 -14.21 6.22 -3.73
N PRO A 302 -14.65 5.39 -4.70
CA PRO A 302 -15.72 4.44 -4.39
C PRO A 302 -15.32 3.40 -3.35
N LEU A 303 -14.01 3.22 -3.18
CA LEU A 303 -13.48 2.27 -2.21
C LEU A 303 -13.31 2.88 -0.82
N ARG A 304 -13.32 4.21 -0.72
CA ARG A 304 -12.84 4.87 0.48
C ARG A 304 -13.48 4.37 1.79
N ASP A 305 -14.81 4.45 1.89
CA ASP A 305 -15.44 4.20 3.17
C ASP A 305 -15.57 2.71 3.45
N LEU A 306 -15.64 1.92 2.38
CA LEU A 306 -15.57 0.47 2.52
C LEU A 306 -14.27 0.07 3.21
N SER A 307 -13.16 0.69 2.82
CA SER A 307 -11.89 0.35 3.45
C SER A 307 -11.81 0.93 4.87
N THR A 308 -12.32 2.13 5.06
CA THR A 308 -12.36 2.71 6.41
C THR A 308 -13.14 1.83 7.37
N GLN A 309 -14.29 1.32 6.94
CA GLN A 309 -15.08 0.43 7.79
C GLN A 309 -14.36 -0.89 8.08
N THR A 310 -13.56 -1.36 7.14
CA THR A 310 -12.80 -2.59 7.34
C THR A 310 -11.68 -2.36 8.37
N ILE A 311 -11.03 -1.21 8.28
CA ILE A 311 -10.07 -0.80 9.28
C ILE A 311 -10.71 -0.78 10.67
N ARG A 312 -11.88 -0.17 10.74
CA ARG A 312 -12.60 -0.02 12.00
C ARG A 312 -12.86 -1.39 12.61
N GLU A 313 -13.31 -2.32 11.78
CA GLU A 313 -13.62 -3.66 12.24
C GLU A 313 -12.39 -4.44 12.67
N MET A 314 -11.32 -4.39 11.87
CA MET A 314 -10.11 -5.14 12.20
C MET A 314 -9.41 -4.60 13.45
N TYR A 315 -9.48 -3.29 13.64
CA TYR A 315 -8.91 -2.67 14.83
C TYR A 315 -9.62 -3.19 16.08
N ALA A 316 -10.95 -3.29 16.02
CA ALA A 316 -11.73 -3.76 17.17
C ALA A 316 -11.49 -5.25 17.42
N LEU A 317 -11.47 -6.05 16.37
CA LEU A 317 -11.23 -7.48 16.49
C LEU A 317 -9.84 -7.82 17.04
N THR A 318 -8.89 -6.92 16.86
CA THR A 318 -7.53 -7.13 17.37
C THR A 318 -7.28 -6.28 18.61
N GLN A 319 -8.34 -5.67 19.12
CA GLN A 319 -8.27 -4.90 20.35
C GLN A 319 -7.27 -3.75 20.29
N GLY A 320 -7.06 -3.22 19.09
CA GLY A 320 -6.15 -2.11 18.94
C GLY A 320 -4.69 -2.46 19.21
N ARG A 321 -4.39 -3.75 19.28
CA ARG A 321 -3.03 -4.20 19.60
C ARG A 321 -2.19 -4.49 18.36
N VAL A 322 -2.82 -4.49 17.19
CA VAL A 322 -2.13 -4.84 15.96
C VAL A 322 -2.09 -3.65 15.01
N PRO A 323 -0.89 -3.13 14.74
CA PRO A 323 -0.76 -1.96 13.86
C PRO A 323 -1.43 -2.15 12.51
N ILE A 324 -2.13 -1.11 12.05
CA ILE A 324 -2.82 -1.17 10.77
C ILE A 324 -2.37 -0.04 9.86
N ILE A 325 -2.08 -0.39 8.61
CA ILE A 325 -1.86 0.62 7.58
C ILE A 325 -3.15 0.72 6.78
N GLY A 326 -3.75 1.91 6.75
CA GLY A 326 -5.02 2.08 6.10
C GLY A 326 -4.90 2.61 4.68
N VAL A 327 -5.55 1.93 3.74
CA VAL A 327 -5.39 2.25 2.32
C VAL A 327 -6.73 2.12 1.62
N GLY A 328 -7.02 3.06 0.72
CA GLY A 328 -8.23 2.99 -0.08
C GLY A 328 -8.97 4.30 -0.17
N GLY A 329 -8.83 5.00 -1.29
CA GLY A 329 -9.61 6.19 -1.52
C GLY A 329 -9.15 7.44 -0.79
N VAL A 330 -7.93 7.44 -0.28
CA VAL A 330 -7.41 8.62 0.40
C VAL A 330 -6.93 9.66 -0.61
N SER A 331 -7.54 10.85 -0.58
CA SER A 331 -7.06 11.95 -1.40
C SER A 331 -7.07 13.31 -0.68
N SER A 332 -7.28 13.30 0.63
CA SER A 332 -7.29 14.53 1.40
C SER A 332 -6.90 14.26 2.85
N GLY A 333 -6.62 15.34 3.58
CA GLY A 333 -6.33 15.20 4.99
C GLY A 333 -7.48 14.58 5.75
N GLN A 334 -8.72 14.93 5.40
CA GLN A 334 -9.88 14.35 6.08
C GLN A 334 -9.96 12.83 5.86
N ASP A 335 -9.71 12.40 4.63
CA ASP A 335 -9.72 10.97 4.30
C ASP A 335 -8.70 10.22 5.15
N ALA A 336 -7.52 10.81 5.30
CA ALA A 336 -6.45 10.18 6.08
C ALA A 336 -6.82 10.15 7.56
N LEU A 337 -7.28 11.27 8.09
CA LEU A 337 -7.63 11.33 9.49
C LEU A 337 -8.76 10.37 9.85
N GLU A 338 -9.71 10.18 8.93
CA GLU A 338 -10.83 9.26 9.21
C GLU A 338 -10.34 7.83 9.37
N LYS A 339 -9.35 7.44 8.57
CA LYS A 339 -8.77 6.11 8.71
C LYS A 339 -7.91 6.00 9.96
N ILE A 340 -7.20 7.08 10.29
CA ILE A 340 -6.39 7.10 11.50
C ILE A 340 -7.26 6.98 12.74
N ARG A 341 -8.30 7.83 12.83
CA ARG A 341 -9.25 7.74 13.93
C ARG A 341 -9.96 6.38 13.99
N ALA A 342 -10.08 5.71 12.85
CA ALA A 342 -10.74 4.42 12.80
C ALA A 342 -9.80 3.30 13.25
N GLY A 343 -8.51 3.60 13.34
CA GLY A 343 -7.57 2.66 13.90
C GLY A 343 -6.26 2.46 13.12
N ALA A 344 -6.07 3.23 12.06
CA ALA A 344 -4.84 3.13 11.28
C ALA A 344 -3.70 3.94 11.91
N SER A 345 -2.52 3.33 12.03
CA SER A 345 -1.33 4.04 12.48
C SER A 345 -0.61 4.75 11.35
N LEU A 346 -0.80 4.24 10.13
CA LEU A 346 -0.24 4.86 8.92
C LEU A 346 -1.27 4.74 7.81
N VAL A 347 -1.16 5.58 6.78
CA VAL A 347 -2.00 5.41 5.60
C VAL A 347 -1.18 5.39 4.31
N GLN A 348 -1.78 4.85 3.25
CA GLN A 348 -1.20 4.91 1.91
C GLN A 348 -2.21 5.45 0.92
N LEU A 349 -1.73 5.98 -0.18
CA LEU A 349 -2.61 6.31 -1.29
C LEU A 349 -1.92 5.90 -2.59
N TYR A 350 -2.71 5.79 -3.65
CA TYR A 350 -2.19 5.47 -4.97
C TYR A 350 -3.07 6.21 -5.99
N THR A 351 -4.34 5.83 -6.08
CA THR A 351 -5.21 6.35 -7.13
C THR A 351 -5.30 7.87 -7.16
N ALA A 352 -5.30 8.51 -5.99
CA ALA A 352 -5.37 9.97 -5.94
C ALA A 352 -4.21 10.61 -6.69
N LEU A 353 -3.05 9.97 -6.62
CA LEU A 353 -1.87 10.42 -7.35
C LEU A 353 -2.11 10.45 -8.86
N THR A 354 -2.91 9.51 -9.37
CA THR A 354 -3.13 9.42 -10.80
C THR A 354 -4.08 10.51 -11.30
N PHE A 355 -4.87 11.07 -10.39
CA PHE A 355 -5.80 12.14 -10.77
C PHE A 355 -5.22 13.52 -10.50
N TRP A 356 -4.55 13.69 -9.37
CA TRP A 356 -4.14 15.02 -8.92
C TRP A 356 -2.65 15.25 -9.09
N GLY A 357 -1.89 14.19 -9.30
CA GLY A 357 -0.46 14.32 -9.46
C GLY A 357 0.27 14.52 -8.15
N PRO A 358 1.59 14.66 -8.19
CA PRO A 358 2.47 14.75 -7.02
C PRO A 358 2.04 15.72 -5.92
N PRO A 359 1.44 16.87 -6.29
CA PRO A 359 1.07 17.84 -5.26
C PRO A 359 0.11 17.28 -4.20
N VAL A 360 -0.58 16.18 -4.51
CA VAL A 360 -1.58 15.67 -3.60
C VAL A 360 -0.92 15.19 -2.30
N VAL A 361 0.34 14.80 -2.38
CA VAL A 361 1.05 14.31 -1.19
C VAL A 361 1.20 15.43 -0.15
N GLY A 362 1.74 16.58 -0.56
CA GLY A 362 1.87 17.69 0.36
C GLY A 362 0.52 18.16 0.83
N LYS A 363 -0.46 18.14 -0.07
CA LYS A 363 -1.82 18.56 0.25
C LYS A 363 -2.37 17.74 1.41
N VAL A 364 -2.29 16.42 1.28
CA VAL A 364 -2.79 15.53 2.32
C VAL A 364 -2.10 15.77 3.65
N LYS A 365 -0.78 15.91 3.63
CA LYS A 365 -0.02 16.13 4.85
C LYS A 365 -0.41 17.44 5.52
N ARG A 366 -0.45 18.52 4.72
CA ARG A 366 -0.81 19.84 5.24
C ARG A 366 -2.22 19.86 5.84
N GLU A 367 -3.18 19.24 5.17
CA GLU A 367 -4.56 19.20 5.66
C GLU A 367 -4.67 18.32 6.89
N LEU A 368 -3.90 17.24 6.92
CA LEU A 368 -3.93 16.33 8.08
C LEU A 368 -3.44 17.06 9.32
N GLU A 369 -2.34 17.81 9.17
CA GLU A 369 -1.79 18.54 10.31
C GLU A 369 -2.78 19.59 10.83
N ALA A 370 -3.44 20.29 9.92
CA ALA A 370 -4.43 21.29 10.30
C ALA A 370 -5.61 20.67 11.05
N LEU A 371 -6.12 19.55 10.53
CA LEU A 371 -7.24 18.87 11.18
C LEU A 371 -6.86 18.33 12.55
N LEU A 372 -5.62 17.88 12.70
CA LEU A 372 -5.16 17.37 13.99
C LEU A 372 -5.20 18.48 15.04
N LYS A 373 -4.65 19.64 14.70
CA LYS A 373 -4.67 20.78 15.61
C LYS A 373 -6.11 21.15 15.91
N GLU A 374 -6.91 21.21 14.86
CA GLU A 374 -8.30 21.62 14.92
C GLU A 374 -9.10 20.76 15.89
N GLN A 375 -8.82 19.46 15.92
CA GLN A 375 -9.58 18.54 16.73
C GLN A 375 -8.88 18.21 18.04
N GLY A 376 -7.80 18.93 18.33
CA GLY A 376 -7.21 18.89 19.66
C GLY A 376 -6.17 17.81 19.90
N PHE A 377 -5.71 17.15 18.84
CA PHE A 377 -4.69 16.12 18.98
C PHE A 377 -3.30 16.75 18.99
N GLY A 378 -2.44 16.25 19.87
CA GLY A 378 -1.07 16.74 19.91
C GLY A 378 -0.26 16.24 18.72
N GLY A 379 -0.64 15.08 18.19
CA GLY A 379 0.03 14.55 17.02
C GLY A 379 -0.77 13.40 16.43
N VAL A 380 -0.25 12.82 15.36
CA VAL A 380 -0.90 11.69 14.72
C VAL A 380 -1.14 10.58 15.72
N THR A 381 -0.13 10.31 16.53
CA THR A 381 -0.18 9.18 17.46
C THR A 381 -1.39 9.24 18.39
N ASP A 382 -1.72 10.44 18.86
CA ASP A 382 -2.85 10.62 19.77
C ASP A 382 -4.18 10.30 19.08
N ALA A 383 -4.22 10.43 17.76
CA ALA A 383 -5.47 10.29 17.02
C ALA A 383 -5.78 8.85 16.63
N ILE A 384 -4.76 7.99 16.69
CA ILE A 384 -4.92 6.60 16.26
C ILE A 384 -5.98 5.88 17.09
N GLY A 385 -7.03 5.41 16.42
CA GLY A 385 -8.09 4.68 17.12
C GLY A 385 -9.05 5.54 17.93
N ALA A 386 -8.93 6.87 17.83
CA ALA A 386 -9.70 7.76 18.67
C ALA A 386 -11.21 7.53 18.62
N ASP A 387 -11.73 7.09 17.48
CA ASP A 387 -13.17 6.86 17.31
C ASP A 387 -13.68 5.79 18.26
N HIS A 388 -12.81 4.85 18.62
CA HIS A 388 -13.22 3.71 19.43
C HIS A 388 -13.29 4.05 20.91
N ARG A 389 -12.81 5.24 21.28
CA ARG A 389 -12.70 5.60 22.68
C ARG A 389 -13.76 6.64 23.06
N ARG A 390 -14.79 6.74 22.23
CA ARG A 390 -15.95 7.61 22.48
C ARG A 390 -17.11 6.82 23.08
S SO4 B . 25.10 -8.72 9.17
O1 SO4 B . 23.92 -9.61 9.16
O2 SO4 B . 24.98 -7.73 8.08
O3 SO4 B . 25.17 -8.03 10.47
O4 SO4 B . 26.32 -9.51 8.98
N1 FMN C . -1.71 -3.83 -4.21
C2 FMN C . -0.75 -4.82 -3.93
O2 FMN C . -0.66 -5.29 -2.80
N3 FMN C . 0.11 -5.25 -4.95
C4 FMN C . 0.01 -4.70 -6.23
O4 FMN C . 0.77 -5.09 -7.12
C4A FMN C . -0.94 -3.73 -6.51
N5 FMN C . -1.05 -3.17 -7.79
C5A FMN C . -1.99 -2.16 -8.07
C6 FMN C . -2.03 -1.57 -9.32
C7 FMN C . -2.89 -0.50 -9.56
C7M FMN C . -2.91 0.15 -10.95
C8 FMN C . -3.72 -0.04 -8.55
C8M FMN C . -4.64 1.17 -8.77
C9 FMN C . -3.68 -0.65 -7.30
C9A FMN C . -2.83 -1.72 -7.05
N10 FMN C . -2.76 -2.31 -5.78
C10 FMN C . -1.80 -3.29 -5.50
C1' FMN C . -3.66 -1.88 -4.69
C2' FMN C . -3.19 -0.60 -3.98
O2' FMN C . -1.97 -0.89 -3.29
C3' FMN C . -4.23 -0.10 -2.97
O3' FMN C . -4.44 -1.10 -1.98
C4' FMN C . -5.57 0.21 -3.64
O4' FMN C . -5.36 0.84 -4.91
C5' FMN C . -6.42 1.12 -2.75
O5' FMN C . -5.77 2.38 -2.51
P FMN C . -6.08 3.67 -3.42
O1P FMN C . -5.59 3.33 -4.92
O2P FMN C . -5.42 4.89 -2.88
O3P FMN C . -7.67 3.82 -3.48
O2 DOR D . -5.56 -4.25 -7.57
C2 DOR D . -4.61 -5.04 -7.53
N1 DOR D . -4.04 -5.52 -8.71
N3 DOR D . -4.14 -5.49 -6.29
C4 DOR D . -3.10 -6.45 -6.23
O4 DOR D . -2.72 -6.85 -5.14
C5 DOR D . -2.49 -7.00 -7.51
C6 DOR D . -2.65 -6.02 -8.68
C7 DOR D . -2.32 -6.73 -9.98
O72 DOR D . -3.26 -7.22 -10.63
O71 DOR D . -1.11 -6.78 -10.30
N DET E . 4.67 -1.03 -14.82
O DET E . 3.87 -1.49 -15.96
CM1 DET E . 4.65 0.44 -14.76
CM2 DET E . 4.06 -1.56 -13.59
C1 DET E . 6.05 -1.50 -14.90
C2 DET E . 6.51 -1.72 -16.34
C3 DET E . 5.85 -2.93 -16.98
C4 DET E . 6.37 -4.25 -16.40
C5 DET E . 5.56 -5.43 -16.92
C6 DET E . 6.12 -6.78 -16.47
C7 DET E . 7.45 -7.09 -17.12
C8 DET E . 7.97 -8.47 -16.72
C9 DET E . 9.29 -8.79 -17.41
C10 DET E . 9.80 -10.18 -17.01
C11 DET E . 11.13 -10.50 -17.70
CAA 6X1 F . -1.72 6.12 -13.46
CAB 6X1 F . -2.88 5.72 -14.10
NAC 6X1 F . -1.29 7.36 -13.63
CAD 6X1 F . -1.04 5.21 -12.64
CAE 6X1 F . -3.37 4.42 -13.93
CAF 6X1 F . -3.67 6.70 -14.96
CAG 6X1 F . -0.23 7.93 -13.05
CAH 6X1 F . -1.52 3.91 -12.47
CAI 6X1 F . -2.69 3.52 -13.11
OAJ 6X1 F . -4.88 6.47 -15.17
OAK 6X1 F . -3.06 7.69 -15.43
NAL 6X1 F . -0.01 9.19 -13.39
OAM 6X1 F . 0.50 7.31 -12.27
CAN 6X1 F . 0.95 9.99 -12.90
CAO 6X1 F . 1.06 11.27 -13.42
CAP 6X1 F . 1.75 9.63 -11.82
CAQ 6X1 F . 1.95 12.20 -12.87
CAR 6X1 F . 2.64 10.55 -11.26
CAS 6X1 F . 2.73 11.83 -11.79
CLAT 6X1 F . 2.12 13.77 -13.57
CLAU 6X1 F . 3.63 10.12 -9.91
#